data_8PAA
#
_entry.id   8PAA
#
_cell.length_a   39.490
_cell.length_b   67.900
_cell.length_c   40.220
_cell.angle_alpha   90.000
_cell.angle_beta   93.500
_cell.angle_gamma   90.000
#
_symmetry.space_group_name_H-M   'P 1 21 1'
#
loop_
_entity.id
_entity.type
_entity.pdbx_description
1 polymer 'Beta-lactamase VIM-1'
2 non-polymer 'ZINC ION'
3 non-polymer '7-[(1~{S})-1-[4-[[1,3-bis(oxidanylidene)isoindol-2-yl]methyl]phenyl]carbonyloxyethyl]-3-[6-(morpholin-4-ylmethyl)pyridin-3-yl]-1~{H}-indole-2-carboxylic acid'
4 water water
#
_entity_poly.entity_id   1
_entity_poly.type   'polypeptide(L)'
_entity_poly.pdbx_seq_one_letter_code
;MLKVISSLLVYMTASVMAVASPLAHSGEPSGEYPTVNEIPVGEVRLYQIADGVWSHIATQSFDGAVYPSNGLIVRDGDEL
LLIDTAWGAKNTAALLAEIEKQIGLPVTRAVSTHFHDDRVGGVDVLRAAGVATYASPSTRRLAEAEGNEIPTHSLEGLSS
SGDAVRFGPVELFYPGAAHSTDNLVVYVPSANVLYGGCAVHELSSTSAGNVADADLAEWPTSVERIQKHYPEAEVVIPGH
GLPGGLDLLQHTANVVKAHKNRSVAE
;
_entity_poly.pdbx_strand_id   A
#
loop_
_chem_comp.id
_chem_comp.type
_chem_comp.name
_chem_comp.formula
XO0 non-polymer '7-[(1~{S})-1-[4-[[1,3-bis(oxidanylidene)isoindol-2-yl]methyl]phenyl]carbonyloxyethyl]-3-[6-(morpholin-4-ylmethyl)pyridin-3-yl]-1~{H}-indole-2-carboxylic acid' 'C37 H32 N4 O7'
ZN non-polymer 'ZINC ION' 'Zn 2'
#
# COMPACT_ATOMS: atom_id res chain seq x y z
N SER A 30 -18.93 -6.53 -9.89
CA SER A 30 -20.04 -5.66 -10.27
C SER A 30 -20.21 -4.45 -9.35
N GLY A 31 -19.11 -3.83 -8.96
CA GLY A 31 -19.16 -2.61 -8.17
C GLY A 31 -18.80 -2.74 -6.70
N GLU A 32 -18.91 -3.92 -6.10
CA GLU A 32 -18.47 -4.08 -4.70
C GLU A 32 -16.96 -4.13 -4.65
N TYR A 33 -16.38 -3.89 -3.45
CA TYR A 33 -14.92 -3.95 -3.37
C TYR A 33 -14.51 -5.40 -3.55
N PRO A 34 -13.55 -5.71 -4.43
CA PRO A 34 -13.29 -7.11 -4.72
C PRO A 34 -12.49 -7.79 -3.63
N THR A 35 -12.86 -9.05 -3.36
N THR A 35 -12.58 -9.10 -3.72
CA THR A 35 -12.37 -9.84 -2.22
CA THR A 35 -11.89 -10.02 -2.87
C THR A 35 -11.46 -10.97 -2.68
C THR A 35 -11.26 -11.10 -3.74
N VAL A 36 -10.80 -11.66 -1.72
N VAL A 36 -10.55 -12.01 -3.06
CA VAL A 36 -9.72 -12.59 -2.07
CA VAL A 36 -9.88 -13.12 -3.72
C VAL A 36 -10.23 -13.72 -2.95
C VAL A 36 -10.87 -13.92 -4.55
N ASN A 37 -11.36 -14.33 -2.59
N ASN A 37 -12.14 -13.90 -4.18
CA ASN A 37 -11.85 -15.45 -3.38
CA ASN A 37 -13.12 -14.73 -4.87
C ASN A 37 -12.44 -14.99 -4.72
C ASN A 37 -13.58 -14.14 -6.19
N GLU A 38 -12.53 -13.69 -4.97
N GLU A 38 -13.29 -12.87 -6.46
CA GLU A 38 -13.06 -13.16 -6.23
CA GLU A 38 -13.77 -12.19 -7.65
C GLU A 38 -11.98 -12.82 -7.25
C GLU A 38 -12.66 -11.72 -8.56
N ILE A 39 -10.72 -12.90 -6.88
N ILE A 39 -11.41 -12.07 -8.25
CA ILE A 39 -9.59 -12.53 -7.75
CA ILE A 39 -10.26 -11.71 -9.07
C ILE A 39 -8.62 -13.70 -7.87
C ILE A 39 -9.84 -12.97 -9.81
N PRO A 40 -8.54 -14.39 -9.02
N PRO A 40 -9.99 -13.05 -11.14
CA PRO A 40 -7.54 -15.45 -9.17
CA PRO A 40 -9.55 -14.23 -11.88
C PRO A 40 -6.15 -14.85 -9.09
C PRO A 40 -8.10 -14.56 -11.60
N VAL A 41 -5.21 -15.64 -8.57
N VAL A 41 -7.68 -15.79 -11.92
CA VAL A 41 -3.83 -15.18 -8.53
CA VAL A 41 -6.32 -16.21 -11.57
C VAL A 41 -3.38 -14.94 -9.97
C VAL A 41 -5.29 -15.36 -12.30
N GLY A 42 -2.85 -13.76 -10.22
N GLY A 42 -4.34 -14.84 -11.55
CA GLY A 42 -2.44 -13.32 -11.55
CA GLY A 42 -3.23 -14.05 -12.12
C GLY A 42 -3.32 -12.28 -12.20
C GLY A 42 -3.64 -12.67 -12.54
N GLU A 43 -4.52 -12.07 -11.69
N GLU A 43 -4.65 -12.11 -11.88
CA GLU A 43 -5.42 -11.05 -12.24
CA GLU A 43 -5.45 -11.01 -12.35
C GLU A 43 -5.41 -9.84 -11.33
C GLU A 43 -5.36 -9.85 -11.38
N VAL A 44 -5.70 -8.66 -11.89
CA VAL A 44 -5.74 -7.45 -11.09
C VAL A 44 -7.05 -6.72 -11.36
N ARG A 45 -7.63 -6.20 -10.29
N ARG A 45 -7.65 -6.18 -10.32
CA ARG A 45 -8.80 -5.34 -10.34
CA ARG A 45 -8.82 -5.34 -10.51
C ARG A 45 -8.43 -3.91 -9.95
C ARG A 45 -8.55 -3.97 -9.92
N LEU A 46 -9.15 -2.95 -10.53
CA LEU A 46 -9.11 -1.57 -10.05
C LEU A 46 -10.46 -1.21 -9.44
N TYR A 47 -10.44 -0.28 -8.49
CA TYR A 47 -11.63 0.18 -7.82
C TYR A 47 -11.55 1.69 -7.70
N GLN A 48 -12.52 2.40 -8.22
CA GLN A 48 -12.50 3.86 -8.13
C GLN A 48 -12.85 4.30 -6.72
N ILE A 49 -11.94 5.04 -6.09
CA ILE A 49 -12.11 5.54 -4.74
C ILE A 49 -12.67 6.96 -4.74
N ALA A 50 -12.16 7.81 -5.63
CA ALA A 50 -12.55 9.22 -5.72
C ALA A 50 -12.14 9.69 -7.10
N ASP A 51 -12.46 10.92 -7.43
CA ASP A 51 -11.99 11.46 -8.70
CA ASP A 51 -11.99 11.47 -8.70
C ASP A 51 -10.47 11.40 -8.77
N GLY A 52 -9.95 10.73 -9.78
CA GLY A 52 -8.51 10.61 -9.93
C GLY A 52 -7.79 9.72 -8.94
N VAL A 53 -8.52 8.87 -8.20
CA VAL A 53 -7.93 7.97 -7.22
C VAL A 53 -8.56 6.60 -7.35
N TRP A 54 -7.73 5.58 -7.54
CA TRP A 54 -8.16 4.21 -7.62
C TRP A 54 -7.34 3.39 -6.63
N SER A 55 -7.90 2.31 -6.13
CA SER A 55 -7.07 1.26 -5.56
C SER A 55 -6.87 0.18 -6.61
N HIS A 56 -5.80 -0.59 -6.44
CA HIS A 56 -5.59 -1.82 -7.19
C HIS A 56 -5.57 -2.99 -6.24
N ILE A 57 -6.14 -4.09 -6.67
CA ILE A 57 -6.30 -5.27 -5.84
C ILE A 57 -5.80 -6.48 -6.60
N ALA A 58 -4.96 -7.27 -5.95
CA ALA A 58 -4.43 -8.50 -6.53
C ALA A 58 -4.34 -9.55 -5.44
N THR A 59 -4.07 -10.77 -5.82
CA THR A 59 -3.95 -11.84 -4.84
C THR A 59 -2.66 -12.61 -5.10
N GLN A 60 -2.12 -13.19 -4.05
CA GLN A 60 -0.86 -13.90 -4.14
C GLN A 60 -0.84 -15.01 -3.10
N SER A 61 -0.12 -16.08 -3.43
N SER A 61 -0.08 -16.06 -3.39
CA SER A 61 0.17 -17.18 -2.53
CA SER A 61 0.09 -17.14 -2.43
C SER A 61 1.43 -16.88 -1.74
C SER A 61 1.44 -16.99 -1.75
N PHE A 62 1.43 -17.23 -0.44
CA PHE A 62 2.60 -17.06 0.39
C PHE A 62 2.50 -18.10 1.48
N ASP A 63 3.54 -18.92 1.61
CA ASP A 63 3.54 -19.98 2.62
C ASP A 63 2.27 -20.82 2.58
N GLY A 64 1.78 -21.08 1.38
CA GLY A 64 0.67 -22.00 1.23
C GLY A 64 -0.70 -21.46 1.56
N ALA A 65 -0.85 -20.14 1.63
CA ALA A 65 -2.18 -19.54 1.74
C ALA A 65 -2.26 -18.39 0.74
N VAL A 66 -3.48 -18.01 0.39
CA VAL A 66 -3.73 -16.94 -0.58
C VAL A 66 -4.26 -15.71 0.13
N TYR A 67 -3.72 -14.56 -0.23
CA TYR A 67 -4.03 -13.30 0.41
C TYR A 67 -4.32 -12.25 -0.65
N PRO A 68 -5.26 -11.33 -0.39
CA PRO A 68 -5.40 -10.14 -1.24
C PRO A 68 -4.42 -9.08 -0.75
N SER A 69 -4.24 -8.06 -1.60
N SER A 69 -4.16 -8.11 -1.61
CA SER A 69 -3.40 -6.95 -1.24
CA SER A 69 -3.47 -6.90 -1.19
C SER A 69 -3.76 -5.74 -2.10
C SER A 69 -3.90 -5.75 -2.06
N ASN A 70 -3.74 -4.56 -1.50
CA ASN A 70 -4.11 -3.30 -2.13
C ASN A 70 -2.88 -2.47 -2.47
N GLY A 71 -3.04 -1.63 -3.48
CA GLY A 71 -2.19 -0.48 -3.72
C GLY A 71 -3.04 0.70 -4.18
N LEU A 72 -2.41 1.77 -4.61
CA LEU A 72 -3.10 2.99 -4.98
C LEU A 72 -2.63 3.48 -6.33
N ILE A 73 -3.50 4.18 -7.05
CA ILE A 73 -3.18 4.87 -8.30
C ILE A 73 -3.74 6.26 -8.15
N VAL A 74 -2.93 7.28 -8.45
CA VAL A 74 -3.37 8.67 -8.31
C VAL A 74 -3.07 9.41 -9.59
N ARG A 75 -4.09 10.05 -10.18
N ARG A 75 -4.08 10.05 -10.17
CA ARG A 75 -3.90 10.85 -11.37
CA ARG A 75 -3.87 10.82 -11.39
C ARG A 75 -2.99 12.04 -11.07
C ARG A 75 -3.02 12.04 -11.08
N ASP A 76 -2.04 12.25 -11.97
CA ASP A 76 -0.97 13.25 -11.85
C ASP A 76 -0.96 14.00 -13.18
N GLY A 77 -1.99 14.80 -13.43
CA GLY A 77 -2.20 15.46 -14.73
C GLY A 77 -2.58 14.49 -15.83
N ASP A 78 -1.73 14.34 -16.84
CA ASP A 78 -1.92 13.32 -17.86
C ASP A 78 -1.01 12.12 -17.62
N GLU A 79 -0.50 11.94 -16.40
CA GLU A 79 0.26 10.76 -16.01
C GLU A 79 -0.34 10.20 -14.74
N LEU A 80 0.16 9.03 -14.31
CA LEU A 80 -0.28 8.38 -13.09
C LEU A 80 0.92 8.16 -12.16
N LEU A 81 0.63 8.30 -10.87
CA LEU A 81 1.52 7.88 -9.79
C LEU A 81 0.97 6.57 -9.22
N LEU A 82 1.82 5.57 -9.12
CA LEU A 82 1.47 4.28 -8.56
C LEU A 82 2.04 4.20 -7.13
N ILE A 83 1.24 3.71 -6.20
CA ILE A 83 1.67 3.37 -4.85
C ILE A 83 1.59 1.86 -4.69
N ASP A 84 2.74 1.22 -4.54
CA ASP A 84 2.94 -0.20 -4.30
C ASP A 84 2.71 -1.05 -5.55
N THR A 85 3.48 -2.12 -5.63
CA THR A 85 3.29 -3.11 -6.66
C THR A 85 2.07 -3.95 -6.35
N ALA A 86 1.76 -4.87 -7.28
CA ALA A 86 0.65 -5.81 -7.10
C ALA A 86 1.13 -7.17 -6.56
N TRP A 87 2.25 -7.21 -5.85
CA TRP A 87 2.73 -8.41 -5.16
C TRP A 87 3.16 -9.49 -6.13
N GLY A 88 4.20 -9.20 -6.89
CA GLY A 88 4.83 -10.13 -7.76
C GLY A 88 4.98 -9.59 -9.16
N ALA A 89 5.92 -10.20 -9.88
CA ALA A 89 6.22 -9.76 -11.24
C ALA A 89 5.03 -9.93 -12.19
N LYS A 90 4.46 -11.14 -12.25
N LYS A 90 4.44 -11.12 -12.23
CA LYS A 90 3.34 -11.36 -13.14
CA LYS A 90 3.34 -11.33 -13.17
C LYS A 90 2.14 -10.51 -12.76
C LYS A 90 2.10 -10.54 -12.77
N ASN A 91 1.84 -10.42 -11.46
CA ASN A 91 0.73 -9.57 -11.03
C ASN A 91 0.97 -8.12 -11.45
N THR A 92 2.19 -7.65 -11.32
CA THR A 92 2.49 -6.25 -11.63
C THR A 92 2.41 -6.00 -13.14
N ALA A 93 2.82 -6.96 -13.96
CA ALA A 93 2.57 -6.83 -15.40
C ALA A 93 1.07 -6.76 -15.68
N ALA A 94 0.29 -7.58 -14.98
CA ALA A 94 -1.16 -7.57 -15.17
C ALA A 94 -1.75 -6.24 -14.70
N LEU A 95 -1.18 -5.65 -13.64
CA LEU A 95 -1.59 -4.33 -13.16
C LEU A 95 -1.40 -3.28 -14.25
N LEU A 96 -0.23 -3.25 -14.87
CA LEU A 96 0.01 -2.27 -15.92
C LEU A 96 -0.98 -2.44 -17.07
N ALA A 97 -1.29 -3.69 -17.42
CA ALA A 97 -2.26 -3.95 -18.50
C ALA A 97 -3.66 -3.48 -18.10
N GLU A 98 -4.03 -3.71 -16.86
CA GLU A 98 -5.33 -3.26 -16.39
C GLU A 98 -5.44 -1.75 -16.37
N ILE A 99 -4.37 -1.06 -15.96
CA ILE A 99 -4.35 0.39 -16.01
C ILE A 99 -4.50 0.88 -17.44
N GLU A 100 -3.81 0.26 -18.39
CA GLU A 100 -3.94 0.70 -19.77
C GLU A 100 -5.36 0.52 -20.29
N LYS A 101 -6.00 -0.58 -19.91
CA LYS A 101 -7.37 -0.87 -20.33
C LYS A 101 -8.37 0.10 -19.71
N GLN A 102 -8.24 0.36 -18.42
CA GLN A 102 -9.28 1.04 -17.66
C GLN A 102 -9.06 2.54 -17.59
N ILE A 103 -7.83 3.02 -17.67
CA ILE A 103 -7.49 4.42 -17.44
C ILE A 103 -6.80 5.03 -18.65
N GLY A 104 -5.81 4.33 -19.20
CA GLY A 104 -5.21 4.76 -20.45
C GLY A 104 -4.22 5.89 -20.35
N LEU A 105 -3.70 6.17 -19.16
CA LEU A 105 -2.65 7.15 -18.93
C LEU A 105 -1.40 6.42 -18.47
N PRO A 106 -0.22 6.94 -18.80
CA PRO A 106 1.00 6.21 -18.46
C PRO A 106 1.36 6.34 -16.99
N VAL A 107 1.80 5.23 -16.41
CA VAL A 107 2.39 5.25 -15.07
C VAL A 107 3.83 5.72 -15.21
N THR A 108 4.17 6.84 -14.59
CA THR A 108 5.51 7.38 -14.74
C THR A 108 6.37 7.22 -13.50
N ARG A 109 5.77 7.12 -12.31
CA ARG A 109 6.49 7.01 -11.07
C ARG A 109 5.73 6.04 -10.17
N ALA A 110 6.48 5.35 -9.31
CA ALA A 110 5.93 4.46 -8.31
C ALA A 110 6.66 4.68 -7.00
N VAL A 111 5.92 4.58 -5.90
CA VAL A 111 6.46 4.62 -4.54
C VAL A 111 6.07 3.32 -3.85
N SER A 112 7.04 2.67 -3.21
CA SER A 112 6.79 1.51 -2.39
C SER A 112 6.80 1.94 -0.93
N THR A 113 5.78 1.50 -0.18
CA THR A 113 5.57 2.00 1.18
C THR A 113 6.25 1.19 2.26
N HIS A 114 6.75 -0.01 1.96
CA HIS A 114 7.72 -0.69 2.83
C HIS A 114 8.37 -1.77 2.00
N PHE A 115 9.24 -2.57 2.64
CA PHE A 115 10.18 -3.43 1.92
C PHE A 115 9.66 -4.81 1.56
N HIS A 116 8.49 -5.19 2.03
CA HIS A 116 7.98 -6.54 1.81
C HIS A 116 7.55 -6.73 0.34
N ASP A 117 7.46 -8.00 -0.06
N ASP A 117 7.42 -8.01 -0.04
CA ASP A 117 7.16 -8.34 -1.46
CA ASP A 117 7.15 -8.34 -1.45
C ASP A 117 5.80 -7.88 -1.95
C ASP A 117 5.82 -7.82 -1.96
N ASP A 118 4.83 -7.64 -1.06
CA ASP A 118 3.56 -7.09 -1.49
C ASP A 118 3.64 -5.58 -1.83
N ARG A 119 4.81 -4.98 -1.62
CA ARG A 119 5.06 -3.58 -1.89
C ARG A 119 6.11 -3.35 -2.97
N VAL A 120 7.16 -4.20 -2.98
CA VAL A 120 8.25 -4.06 -3.93
C VAL A 120 8.31 -5.18 -4.94
N GLY A 121 7.59 -6.29 -4.75
CA GLY A 121 7.70 -7.40 -5.70
C GLY A 121 7.00 -6.98 -6.97
N GLY A 122 7.74 -6.85 -8.08
CA GLY A 122 7.23 -6.19 -9.27
C GLY A 122 7.97 -4.92 -9.62
N VAL A 123 8.84 -4.42 -8.76
CA VAL A 123 9.62 -3.23 -9.09
C VAL A 123 10.50 -3.44 -10.30
N ASP A 124 11.06 -4.64 -10.50
CA ASP A 124 11.87 -4.87 -11.70
C ASP A 124 11.01 -4.75 -12.96
N VAL A 125 9.79 -5.29 -12.95
CA VAL A 125 8.83 -5.13 -14.06
C VAL A 125 8.57 -3.65 -14.31
N LEU A 126 8.28 -2.90 -13.26
CA LEU A 126 8.02 -1.48 -13.40
C LEU A 126 9.20 -0.77 -14.04
N ARG A 127 10.40 -1.05 -13.51
N ARG A 127 10.40 -1.03 -13.50
CA ARG A 127 11.60 -0.33 -13.96
CA ARG A 127 11.55 -0.27 -13.98
C ARG A 127 11.88 -0.61 -15.43
C ARG A 127 11.80 -0.56 -15.47
N ALA A 128 11.62 -1.82 -15.89
CA ALA A 128 11.79 -2.18 -17.30
C ALA A 128 10.70 -1.61 -18.19
N ALA A 129 9.54 -1.25 -17.64
CA ALA A 129 8.48 -0.58 -18.35
C ALA A 129 8.65 0.94 -18.34
N GLY A 130 9.77 1.44 -17.83
CA GLY A 130 10.04 2.85 -17.85
C GLY A 130 9.52 3.62 -16.66
N VAL A 131 8.98 2.95 -15.66
CA VAL A 131 8.47 3.63 -14.47
C VAL A 131 9.65 3.91 -13.55
N ALA A 132 9.74 5.14 -13.07
CA ALA A 132 10.77 5.46 -12.08
C ALA A 132 10.27 5.03 -10.71
N THR A 133 11.06 4.22 -10.00
CA THR A 133 10.65 3.62 -8.74
C THR A 133 11.39 4.27 -7.59
N TYR A 134 10.65 4.49 -6.52
CA TYR A 134 11.09 5.25 -5.36
C TYR A 134 10.72 4.54 -4.06
N ALA A 135 11.54 4.73 -3.03
CA ALA A 135 11.24 4.29 -1.67
C ALA A 135 12.18 5.04 -0.73
N SER A 136 11.86 5.02 0.56
CA SER A 136 12.76 5.63 1.51
C SER A 136 14.09 4.88 1.50
N PRO A 137 15.17 5.51 1.98
CA PRO A 137 16.43 4.78 2.13
C PRO A 137 16.31 3.60 3.05
N SER A 138 15.50 3.71 4.10
N SER A 138 15.49 3.72 4.11
CA SER A 138 15.31 2.59 5.00
CA SER A 138 15.29 2.60 5.01
C SER A 138 14.68 1.41 4.25
C SER A 138 14.71 1.42 4.24
N THR A 139 13.64 1.66 3.47
CA THR A 139 13.04 0.59 2.69
C THR A 139 14.03 -0.01 1.73
N ARG A 140 14.82 0.81 1.06
CA ARG A 140 15.78 0.29 0.09
C ARG A 140 16.82 -0.62 0.76
N ARG A 141 17.30 -0.22 1.94
N ARG A 141 17.31 -0.22 1.94
CA ARG A 141 18.28 -1.02 2.66
CA ARG A 141 18.28 -1.02 2.66
C ARG A 141 17.67 -2.35 3.10
C ARG A 141 17.66 -2.36 3.08
N LEU A 142 16.45 -2.31 3.60
CA LEU A 142 15.80 -3.53 4.09
C LEU A 142 15.50 -4.47 2.94
N ALA A 143 15.01 -3.91 1.83
CA ALA A 143 14.73 -4.75 0.66
C ALA A 143 16.01 -5.44 0.17
N GLU A 144 17.10 -4.67 0.06
CA GLU A 144 18.36 -5.27 -0.38
C GLU A 144 18.79 -6.38 0.57
N ALA A 145 18.75 -6.14 1.89
CA ALA A 145 19.23 -7.12 2.84
C ALA A 145 18.39 -8.39 2.79
N GLU A 146 17.10 -8.27 2.51
CA GLU A 146 16.17 -9.40 2.53
C GLU A 146 16.15 -10.15 1.21
N GLY A 147 16.76 -9.60 0.16
CA GLY A 147 16.67 -10.19 -1.16
C GLY A 147 15.40 -9.89 -1.91
N ASN A 148 14.74 -8.78 -1.60
CA ASN A 148 13.59 -8.33 -2.35
C ASN A 148 14.02 -7.33 -3.42
N GLU A 149 13.13 -7.06 -4.37
CA GLU A 149 13.43 -6.08 -5.39
C GLU A 149 13.58 -4.68 -4.79
N ILE A 150 14.44 -3.89 -5.43
CA ILE A 150 14.92 -2.66 -4.81
C ILE A 150 14.53 -1.48 -5.66
N PRO A 151 13.67 -0.57 -5.15
CA PRO A 151 13.39 0.67 -5.88
C PRO A 151 14.64 1.46 -6.17
N THR A 152 14.62 2.20 -7.28
CA THR A 152 15.82 2.89 -7.75
C THR A 152 16.19 4.11 -6.93
N HIS A 153 15.22 4.92 -6.58
CA HIS A 153 15.46 6.27 -6.07
C HIS A 153 15.07 6.39 -4.61
N SER A 154 15.91 7.05 -3.84
CA SER A 154 15.68 7.24 -2.42
C SER A 154 14.87 8.48 -2.13
N LEU A 155 13.91 8.34 -1.24
CA LEU A 155 13.07 9.42 -0.75
C LEU A 155 13.60 9.91 0.58
N GLU A 156 14.31 11.03 0.53
CA GLU A 156 14.86 11.67 1.71
C GLU A 156 13.75 12.46 2.41
N GLY A 157 14.05 12.94 3.62
CA GLY A 157 13.11 13.75 4.34
C GLY A 157 12.03 13.03 5.07
N LEU A 158 12.18 11.71 5.26
CA LEU A 158 11.17 10.83 5.87
C LEU A 158 11.75 10.00 7.01
N SER A 159 12.93 10.34 7.52
CA SER A 159 13.58 9.43 8.44
C SER A 159 13.13 9.58 9.88
N SER A 160 12.44 10.65 10.25
N SER A 160 12.44 10.65 10.24
CA SER A 160 11.97 10.86 11.62
CA SER A 160 11.99 10.91 11.60
C SER A 160 10.45 10.78 11.69
C SER A 160 10.48 10.80 11.68
N SER A 161 9.93 10.11 12.72
N SER A 161 9.97 10.17 12.74
CA SER A 161 8.49 9.98 12.81
CA SER A 161 8.53 10.02 12.89
C SER A 161 7.85 11.36 12.83
C SER A 161 7.86 11.39 12.85
N GLY A 162 6.76 11.47 12.10
CA GLY A 162 6.08 12.74 11.88
C GLY A 162 6.52 13.49 10.64
N ASP A 163 7.56 13.02 9.96
CA ASP A 163 8.01 13.68 8.75
C ASP A 163 7.02 13.50 7.61
N ALA A 164 6.94 14.51 6.76
CA ALA A 164 6.08 14.50 5.60
C ALA A 164 6.78 15.20 4.45
N VAL A 165 6.57 14.69 3.24
CA VAL A 165 7.09 15.30 2.01
C VAL A 165 6.02 15.21 0.93
N ARG A 166 6.05 16.15 -0.01
CA ARG A 166 5.18 16.07 -1.15
C ARG A 166 5.81 15.27 -2.29
N PHE A 167 4.96 14.54 -3.00
CA PHE A 167 5.41 13.70 -4.12
C PHE A 167 4.27 13.74 -5.14
N GLY A 168 4.37 14.59 -6.15
CA GLY A 168 3.27 14.75 -7.07
C GLY A 168 2.00 15.08 -6.34
N PRO A 169 0.91 14.39 -6.67
CA PRO A 169 -0.39 14.71 -6.09
C PRO A 169 -0.61 14.12 -4.70
N VAL A 170 0.41 13.59 -4.04
CA VAL A 170 0.23 13.05 -2.71
C VAL A 170 1.21 13.65 -1.72
N GLU A 171 0.93 13.44 -0.44
CA GLU A 171 1.86 13.63 0.64
C GLU A 171 2.25 12.26 1.17
N LEU A 172 3.54 12.06 1.39
CA LEU A 172 4.09 10.88 2.02
C LEU A 172 4.37 11.22 3.46
N PHE A 173 4.03 10.32 4.38
CA PHE A 173 4.15 10.54 5.80
C PHE A 173 4.77 9.33 6.47
N TYR A 174 5.77 9.56 7.31
CA TYR A 174 6.38 8.48 8.07
C TYR A 174 5.83 8.53 9.49
N PRO A 175 4.98 7.58 9.92
CA PRO A 175 4.31 7.72 11.22
C PRO A 175 5.14 7.17 12.37
N GLY A 176 6.23 6.49 12.09
CA GLY A 176 6.93 5.67 13.06
C GLY A 176 6.74 4.20 12.77
N ALA A 177 7.49 3.39 13.53
CA ALA A 177 7.42 1.95 13.33
C ALA A 177 6.04 1.42 13.67
N ALA A 178 5.61 0.44 12.88
CA ALA A 178 4.28 -0.13 13.06
C ALA A 178 4.33 -1.57 12.56
N HIS A 179 3.70 -1.82 11.41
CA HIS A 179 3.81 -3.10 10.74
C HIS A 179 5.27 -3.42 10.40
N SER A 180 6.04 -2.41 10.03
CA SER A 180 7.45 -2.53 9.79
C SER A 180 8.09 -1.23 10.28
N THR A 181 9.41 -1.22 10.39
N THR A 181 9.42 -1.23 10.38
CA THR A 181 10.07 -0.01 10.87
CA THR A 181 10.11 -0.04 10.85
C THR A 181 10.04 1.10 9.82
C THR A 181 10.12 1.07 9.81
N ASP A 182 9.93 0.73 8.54
CA ASP A 182 10.01 1.66 7.42
C ASP A 182 8.67 2.09 6.84
N ASN A 183 7.55 1.60 7.36
CA ASN A 183 6.27 1.82 6.71
C ASN A 183 5.92 3.29 6.55
N LEU A 184 5.50 3.65 5.33
CA LEU A 184 4.99 4.97 4.99
C LEU A 184 3.49 4.92 4.78
N VAL A 185 2.87 6.09 4.96
N VAL A 185 2.83 6.05 5.05
CA VAL A 185 1.46 6.34 4.70
CA VAL A 185 1.46 6.23 4.63
C VAL A 185 1.38 7.40 3.62
C VAL A 185 1.39 7.34 3.60
N VAL A 186 0.28 7.37 2.84
CA VAL A 186 0.11 8.28 1.71
C VAL A 186 -1.23 8.98 1.82
N TYR A 187 -1.24 10.30 1.69
CA TYR A 187 -2.47 11.08 1.73
C TYR A 187 -2.65 11.76 0.38
N VAL A 188 -3.88 11.73 -0.13
CA VAL A 188 -4.24 12.42 -1.37
C VAL A 188 -5.08 13.64 -0.97
N PRO A 189 -4.49 14.83 -0.88
CA PRO A 189 -5.24 15.98 -0.31
C PRO A 189 -6.44 16.36 -1.15
N SER A 190 -6.41 16.18 -2.46
CA SER A 190 -7.52 16.65 -3.29
C SER A 190 -8.79 15.87 -2.99
N ALA A 191 -8.66 14.67 -2.44
CA ALA A 191 -9.78 13.76 -2.20
C ALA A 191 -9.92 13.36 -0.74
N ASN A 192 -9.04 13.82 0.13
CA ASN A 192 -9.02 13.37 1.52
C ASN A 192 -8.99 11.86 1.66
N VAL A 193 -8.16 11.22 0.85
CA VAL A 193 -7.98 9.79 0.88
C VAL A 193 -6.69 9.48 1.63
N LEU A 194 -6.79 8.63 2.64
CA LEU A 194 -5.64 8.19 3.41
C LEU A 194 -5.38 6.73 3.06
N TYR A 195 -4.25 6.46 2.47
CA TYR A 195 -3.78 5.12 2.17
C TYR A 195 -2.81 4.71 3.27
N GLY A 196 -3.28 3.86 4.16
CA GLY A 196 -2.48 3.49 5.32
C GLY A 196 -1.45 2.43 5.06
N GLY A 197 -1.57 1.72 3.96
CA GLY A 197 -0.73 0.56 3.73
C GLY A 197 -0.87 -0.44 4.87
N CYS A 198 0.19 -1.22 5.08
CA CYS A 198 0.07 -2.35 6.00
C CYS A 198 0.12 -1.95 7.47
N ALA A 199 0.40 -0.68 7.77
CA ALA A 199 0.21 -0.15 9.11
C ALA A 199 -1.24 -0.03 9.53
N VAL A 200 -2.19 -0.18 8.61
CA VAL A 200 -3.61 -0.03 8.88
C VAL A 200 -4.31 -1.31 8.42
N HIS A 201 -5.17 -1.83 9.29
N HIS A 201 -5.13 -1.85 9.32
CA HIS A 201 -5.93 -3.02 9.01
CA HIS A 201 -5.93 -3.04 9.09
C HIS A 201 -7.40 -2.75 8.78
C HIS A 201 -7.37 -2.70 8.71
N GLU A 202 -8.01 -3.63 8.00
CA GLU A 202 -9.41 -3.51 7.70
C GLU A 202 -10.27 -3.82 8.95
N LEU A 203 -11.52 -3.36 8.90
CA LEU A 203 -12.43 -3.52 10.06
C LEU A 203 -12.72 -4.97 10.42
N SER A 204 -12.77 -5.88 9.46
CA SER A 204 -13.04 -7.28 9.81
C SER A 204 -11.84 -7.99 10.43
N SER A 205 -10.67 -7.34 10.47
N SER A 205 -10.66 -7.37 10.46
CA SER A 205 -9.48 -7.98 10.99
CA SER A 205 -9.45 -7.99 10.98
C SER A 205 -9.65 -8.32 12.46
C SER A 205 -9.60 -8.31 12.46
N THR A 206 -9.27 -9.53 12.81
CA THR A 206 -9.19 -9.93 14.19
C THR A 206 -7.75 -10.12 14.62
N SER A 207 -6.81 -9.96 13.70
CA SER A 207 -5.43 -10.21 14.01
C SER A 207 -4.61 -9.09 13.43
N ALA A 208 -3.41 -8.98 13.93
CA ALA A 208 -2.50 -7.97 13.46
C ALA A 208 -1.80 -8.39 12.20
N GLY A 209 -2.24 -9.42 11.48
CA GLY A 209 -1.62 -9.77 10.20
C GLY A 209 -0.25 -10.38 10.37
N ASN A 210 0.62 -10.12 9.40
CA ASN A 210 1.96 -10.70 9.46
C ASN A 210 2.81 -9.71 10.25
N VAL A 211 3.11 -10.05 11.49
CA VAL A 211 3.77 -9.14 12.43
C VAL A 211 5.26 -9.47 12.60
N ALA A 212 5.84 -10.28 11.70
CA ALA A 212 7.20 -10.73 11.93
C ALA A 212 8.19 -9.57 11.99
N ASP A 213 7.95 -8.49 11.26
CA ASP A 213 8.85 -7.34 11.22
C ASP A 213 8.27 -6.13 11.95
N ALA A 214 7.24 -6.33 12.76
CA ALA A 214 6.50 -5.26 13.36
C ALA A 214 7.11 -4.83 14.69
N ASP A 215 6.71 -3.63 15.11
CA ASP A 215 6.96 -3.11 16.47
C ASP A 215 5.60 -2.94 17.15
N LEU A 216 5.14 -3.98 17.87
CA LEU A 216 3.80 -3.94 18.44
C LEU A 216 3.68 -2.87 19.51
N ALA A 217 4.77 -2.60 20.22
CA ALA A 217 4.75 -1.59 21.27
C ALA A 217 4.61 -0.19 20.71
N GLU A 218 5.26 0.11 19.56
CA GLU A 218 5.22 1.45 18.98
C GLU A 218 4.03 1.64 18.07
N TRP A 219 3.49 0.54 17.54
CA TRP A 219 2.42 0.65 16.55
C TRP A 219 1.26 1.53 16.98
N PRO A 220 0.69 1.39 18.17
CA PRO A 220 -0.40 2.33 18.56
C PRO A 220 0.04 3.78 18.55
N THR A 221 1.27 4.08 18.99
CA THR A 221 1.74 5.47 18.97
C THR A 221 1.85 5.98 17.54
N SER A 222 2.32 5.15 16.63
CA SER A 222 2.40 5.51 15.22
C SER A 222 1.01 5.75 14.63
N VAL A 223 0.02 4.92 14.97
CA VAL A 223 -1.34 5.16 14.51
C VAL A 223 -1.89 6.47 15.07
N GLU A 224 -1.61 6.76 16.35
N GLU A 224 -1.62 6.75 16.35
CA GLU A 224 -2.03 8.02 16.94
CA GLU A 224 -2.03 8.02 16.93
C GLU A 224 -1.44 9.20 16.15
C GLU A 224 -1.45 9.19 16.14
N ARG A 225 -0.21 9.06 15.65
CA ARG A 225 0.37 10.13 14.84
C ARG A 225 -0.41 10.31 13.54
N ILE A 226 -0.81 9.20 12.90
CA ILE A 226 -1.62 9.30 11.71
C ILE A 226 -2.93 10.01 12.00
N GLN A 227 -3.61 9.57 13.07
CA GLN A 227 -4.89 10.16 13.45
C GLN A 227 -4.77 11.66 13.66
N LYS A 228 -3.70 12.10 14.32
CA LYS A 228 -3.49 13.51 14.59
C LYS A 228 -3.19 14.28 13.32
N HIS A 229 -2.44 13.68 12.40
CA HIS A 229 -2.00 14.42 11.23
C HIS A 229 -3.07 14.52 10.14
N TYR A 230 -4.00 13.55 10.09
CA TYR A 230 -4.98 13.48 9.01
C TYR A 230 -6.40 13.39 9.56
N PRO A 231 -6.82 14.35 10.35
CA PRO A 231 -8.16 14.30 10.96
C PRO A 231 -9.30 14.47 9.97
N GLU A 232 -9.04 14.94 8.75
N GLU A 232 -9.04 14.93 8.75
CA GLU A 232 -10.08 15.16 7.76
CA GLU A 232 -10.09 15.16 7.76
C GLU A 232 -10.18 14.02 6.76
C GLU A 232 -10.17 14.03 6.75
N ALA A 233 -9.46 12.93 6.98
CA ALA A 233 -9.54 11.82 6.03
C ALA A 233 -10.98 11.33 5.93
N GLU A 234 -11.42 11.09 4.70
CA GLU A 234 -12.76 10.59 4.43
C GLU A 234 -12.80 9.13 4.06
N VAL A 235 -11.77 8.63 3.41
CA VAL A 235 -11.61 7.22 3.08
C VAL A 235 -10.25 6.81 3.62
N VAL A 236 -10.20 5.65 4.25
CA VAL A 236 -8.97 5.03 4.75
C VAL A 236 -8.85 3.68 4.07
N ILE A 237 -7.73 3.44 3.39
CA ILE A 237 -7.48 2.20 2.67
C ILE A 237 -6.39 1.42 3.39
N PRO A 238 -6.66 0.18 3.79
CA PRO A 238 -5.65 -0.66 4.43
C PRO A 238 -4.76 -1.32 3.40
N GLY A 239 -3.66 -1.89 3.86
CA GLY A 239 -2.78 -2.63 2.97
C GLY A 239 -3.39 -3.86 2.39
N HIS A 240 -4.33 -4.47 3.10
N HIS A 240 -4.30 -4.47 3.12
CA HIS A 240 -5.03 -5.66 2.65
CA HIS A 240 -4.99 -5.71 2.76
C HIS A 240 -6.46 -5.55 3.17
C HIS A 240 -6.45 -5.49 3.16
N GLY A 241 -7.41 -5.74 2.28
CA GLY A 241 -8.82 -5.75 2.65
C GLY A 241 -9.58 -4.48 2.29
N LEU A 242 -10.72 -4.32 2.92
CA LEU A 242 -11.71 -3.34 2.46
C LEU A 242 -11.43 -1.93 2.98
N PRO A 243 -11.55 -0.91 2.13
CA PRO A 243 -11.52 0.47 2.63
C PRO A 243 -12.71 0.78 3.51
N GLY A 244 -12.53 1.80 4.35
CA GLY A 244 -13.61 2.33 5.17
C GLY A 244 -13.29 3.76 5.51
N GLY A 245 -13.72 4.19 6.69
CA GLY A 245 -13.50 5.52 7.18
C GLY A 245 -12.42 5.56 8.25
N LEU A 246 -12.41 6.65 9.00
CA LEU A 246 -11.38 6.86 10.02
C LEU A 246 -11.39 5.76 11.07
N ASP A 247 -12.50 5.04 11.25
CA ASP A 247 -12.51 3.99 12.27
C ASP A 247 -11.45 2.93 12.05
N LEU A 248 -10.97 2.76 10.82
CA LEU A 248 -9.93 1.75 10.61
C LEU A 248 -8.72 2.06 11.46
N LEU A 249 -8.43 3.34 11.72
CA LEU A 249 -7.24 3.66 12.51
C LEU A 249 -7.40 3.18 13.94
N GLN A 250 -8.49 3.56 14.61
CA GLN A 250 -8.68 3.11 15.98
C GLN A 250 -8.77 1.60 16.05
N HIS A 251 -9.48 0.99 15.09
CA HIS A 251 -9.57 -0.47 15.07
C HIS A 251 -8.19 -1.10 15.02
N THR A 252 -7.32 -0.56 14.15
CA THR A 252 -5.96 -1.10 14.06
C THR A 252 -5.24 -1.03 15.40
N ALA A 253 -5.30 0.12 16.07
CA ALA A 253 -4.65 0.25 17.38
C ALA A 253 -5.20 -0.79 18.32
N ASN A 254 -6.53 -0.96 18.31
CA ASN A 254 -7.16 -1.91 19.21
C ASN A 254 -6.65 -3.32 18.95
N VAL A 255 -6.61 -3.75 17.69
CA VAL A 255 -6.23 -5.12 17.33
C VAL A 255 -4.77 -5.38 17.70
N VAL A 256 -3.90 -4.39 17.47
CA VAL A 256 -2.48 -4.58 17.76
C VAL A 256 -2.27 -4.66 19.25
N LYS A 257 -2.96 -3.81 20.05
CA LYS A 257 -2.80 -3.88 21.49
C LYS A 257 -3.30 -5.22 22.02
N ALA A 258 -4.43 -5.70 21.49
CA ALA A 258 -5.00 -6.96 21.95
C ALA A 258 -4.11 -8.14 21.55
N HIS A 259 -3.47 -8.04 20.37
CA HIS A 259 -2.54 -9.07 19.95
C HIS A 259 -1.37 -9.15 20.91
N LYS A 260 -0.75 -7.99 21.21
CA LYS A 260 0.33 -7.93 22.17
C LYS A 260 -0.11 -8.46 23.54
N ASN A 261 -1.36 -8.20 23.93
CA ASN A 261 -1.89 -8.69 25.20
C ASN A 261 -2.07 -10.21 25.21
ZN ZN B . 4.51 -5.97 5.11
ZN ZN C . 1.18 -6.19 3.91
C10 XO0 D . 10.56 -12.83 7.07
C10 XO0 D . 10.47 -13.15 7.10
C12 XO0 D . 9.79 -14.14 9.13
C12 XO0 D . 12.94 -12.45 6.91
C15 XO0 D . 10.82 -13.12 10.98
C15 XO0 D . 13.61 -13.17 4.76
C16 XO0 D . 11.17 -12.88 12.29
C16 XO0 D . 14.42 -13.47 3.69
C22 XO0 D . 8.54 -11.32 7.37
C22 XO0 D . 8.62 -11.51 7.32
C20 XO0 D . 11.11 -12.52 9.57
C20 XO0 D . 12.15 -13.48 5.20
C19 XO0 D . 9.42 -15.00 11.70
C19 XO0 D . 15.48 -12.11 5.92
C14 XO0 D . 9.93 -14.21 10.69
C14 XO0 D . 14.16 -12.51 5.94
C24 XO0 D . 2.95 -11.01 3.68
C24 XO0 D . 2.95 -11.02 3.78
C08 XO0 D . 8.76 -12.48 5.29
C08 XO0 D . 8.68 -12.76 5.28
C06 XO0 D . 6.88 -11.02 5.66
C06 XO0 D . 6.94 -11.14 5.65
C04 XO0 D . 5.60 -10.40 5.12
C04 XO0 D . 5.69 -10.42 5.17
C27 XO0 D . 0.73 -9.11 5.73
C27 XO0 D . 0.61 -9.03 5.56
C02 XO0 D . 4.16 -10.17 3.24
C02 XO0 D . 4.17 -10.21 3.34
C01 XO0 D . 4.38 -10.20 1.73
C01 XO0 D . 4.38 -10.27 1.83
C07 XO0 D . 7.58 -11.90 4.85
C07 XO0 D . 7.53 -12.09 4.85
C09 XO0 D . 9.25 -12.20 6.56
C09 XO0 D . 9.23 -12.46 6.51
C17 XO0 D . 10.66 -13.67 13.33
C17 XO0 D . 15.77 -13.06 3.68
C18 XO0 D . 9.78 -14.75 13.03
C18 XO0 D . 16.29 -12.37 4.81
C23 XO0 D . 7.37 -10.72 6.92
C23 XO0 D . 7.49 -10.85 6.89
C25 XO0 D . 1.95 -10.43 4.50
C25 XO0 D . 1.90 -10.42 4.50
C28 XO0 D . 0.33 -7.87 6.52
C28 XO0 D . 0.29 -7.74 6.20
C31 XO0 D . 0.06 -10.33 5.69
C31 XO0 D . -0.05 -10.26 5.60
C32 XO0 D . -1.26 -10.67 6.35
C32 XO0 D . -1.41 -10.55 6.18
C33 XO0 D . -2.28 -9.73 6.43
C33 XO0 D . -2.52 -9.72 5.90
C34 XO0 D . -3.46 -10.11 7.07
C34 XO0 D . -3.74 -10.05 6.43
C35 XO0 D . -3.58 -11.37 7.59
C35 XO0 D . -3.84 -11.17 7.24
C36 XO0 D . -4.90 -11.75 8.29
C36 XO0 D . -5.18 -11.58 7.86
C38 XO0 D . -7.12 -12.39 7.69
C38 XO0 D . -5.12 -9.94 9.75
C39 XO0 D . -8.02 -13.40 6.96
C39 XO0 D . -4.90 -8.47 9.43
C41 XO0 D . -6.22 -14.87 6.72
C41 XO0 D . -6.65 -8.42 7.79
C42 XO0 D . -5.34 -13.96 7.56
C42 XO0 D . -6.94 -9.89 8.09
C44 XO0 D . -1.45 -11.93 6.90
C44 XO0 D . -1.61 -11.66 6.97
C45 XO0 D . 0.86 -11.17 4.89
C45 XO0 D . 0.79 -11.15 4.88
C46 XO0 D . 0.71 -12.50 4.47
C46 XO0 D . 0.68 -12.51 4.55
C47 XO0 D . 1.69 -13.06 3.67
C47 XO0 D . 1.70 -13.11 3.84
C48 XO0 D . 2.81 -12.33 3.27
C48 XO0 D . 2.84 -12.37 3.47
N11 XO0 D . 10.50 -13.14 8.50
N11 XO0 D . 11.76 -13.01 6.43
N26 XO0 D . 1.85 -9.19 5.01
N26 XO0 D . 1.77 -9.15 4.91
N37 XO0 D . -5.73 -12.60 7.44
N37 XO0 D . -5.84 -10.59 8.70
N43 XO0 D . -2.59 -12.24 7.50
N43 XO0 D . -2.80 -11.96 7.50
O03 XO0 D . 5.35 -10.68 3.79
O03 XO0 D . 5.37 -10.75 3.88
O05 XO0 D . 4.85 -9.72 5.76
O05 XO0 D . 5.03 -9.68 5.83
O13 XO0 D . 9.12 -14.89 8.53
O13 XO0 D . 13.03 -11.92 7.97
O21 XO0 D . 11.84 -11.58 9.42
O21 XO0 D . 11.40 -14.05 4.48
O29 XO0 D . -0.19 -8.03 7.66
O29 XO0 D . -0.27 -7.76 7.33
O30 XO0 D . 0.62 -6.70 6.09
O30 XO0 D . 0.74 -6.64 5.70
O40 XO0 D . -7.58 -14.74 7.13
O40 XO0 D . -6.02 -7.77 8.89
H101 XO0 D . 10.75 -13.75 6.53
H101 XO0 D . 10.59 -12.78 8.11
H102 XO0 D . 11.38 -12.13 6.89
H102 XO0 D . 10.25 -14.21 7.13
H161 XO0 D . 11.84 -12.05 12.53
H161 XO0 D . 14.03 -14.02 2.84
H221 XO0 D . 8.92 -11.09 8.36
H221 XO0 D . 9.03 -11.30 8.30
H191 XO0 D . 8.74 -15.82 11.47
H191 XO0 D . 15.90 -11.60 6.78
H081 XO0 D . 9.30 -13.16 4.64
H081 XO0 D . 9.13 -13.52 4.65
H021 XO0 D . 3.98 -9.16 3.61
H021 XO0 D . 4.03 -9.20 3.71
H013 XO0 D . 4.52 -11.23 1.41
H013 XO0 D . 4.53 -11.31 1.53
H011 XO0 D . 5.26 -9.61 1.49
H011 XO0 D . 5.26 -9.69 1.57
H012 XO0 D . 3.52 -9.78 1.23
H012 XO0 D . 3.52 -9.86 1.33
H071 XO0 D . 7.20 -12.13 3.86
H071 XO0 D . 7.11 -12.31 3.88
H171 XO0 D . 10.94 -13.48 14.35
H171 XO0 D . 16.40 -13.26 2.83
H181 XO0 D . 9.39 -15.36 13.83
H181 XO0 D . 17.33 -12.04 4.80
H231 XO0 D . 6.84 -10.04 7.56
H231 XO0 D . 7.03 -10.10 7.53
H331 XO0 D . -2.17 -8.75 6.00
H331 XO0 D . -2.40 -8.85 5.27
H341 XO0 D . -4.27 -9.40 7.16
H341 XO0 D . -4.62 -9.44 6.23
H362 XO0 D . -4.67 -12.28 9.21
H362 XO0 D . -5.86 -11.82 7.06
H361 XO0 D . -5.44 -10.85 8.53
H361 XO0 D . -5.00 -12.45 8.47
H381 XO0 D . -7.29 -12.49 8.76
H381 XO0 D . -5.68 -10.03 10.67
H382 XO0 D . -7.39 -11.40 7.38
H382 XO0 D . -4.15 -10.42 9.86
H391 XO0 D . -9.03 -13.31 7.35
H391 XO0 D . -4.60 -7.97 10.36
H392 XO0 D . -8.01 -13.16 5.90
H392 XO0 D . -4.09 -8.39 8.72
H412 XO0 D . -6.13 -14.61 5.67
H412 XO0 D . -6.01 -8.35 6.93
H411 XO0 D . -5.90 -15.90 6.85
H411 XO0 D . -7.59 -7.92 7.58
H421 XO0 D . -4.31 -14.06 7.23
H421 XO0 D . -7.17 -10.39 7.15
H422 XO0 D . -5.41 -14.26 8.60
H422 XO0 D . -7.78 -9.95 8.75
H441 XO0 D . -0.65 -12.66 6.84
H441 XO0 D . -0.77 -12.31 7.18
H461 XO0 D . -0.14 -13.08 4.77
H461 XO0 D . -0.19 -13.08 4.85
H471 XO0 D . 1.59 -14.10 3.34
H471 XO0 D . 1.63 -14.16 3.58
H481 XO0 D . 3.56 -12.78 2.64
H481 XO0 D . 3.63 -12.86 2.91
H261 XO0 D . 2.52 -8.45 4.89
H261 XO0 D . 2.44 -8.42 4.76
#